data_6NN2
#
_entry.id   6NN2
#
_cell.length_a   43.789
_cell.length_b   54.734
_cell.length_c   174.255
_cell.angle_alpha   90.00
_cell.angle_beta   90.00
_cell.angle_gamma   90.00
#
_symmetry.space_group_name_H-M   'P 21 21 21'
#
loop_
_entity.id
_entity.type
_entity.pdbx_description
1 polymer Phosphoglucomutase
2 non-polymer 'CALCIUM ION'
3 non-polymer 'HEXAETHYLENE GLYCOL'
4 water water
#
_entity_poly.entity_id   1
_entity_poly.type   'polypeptide(L)'
_entity_poly.pdbx_seq_one_letter_code
;MGSSHHHHHHSSENLYFQSHMTLPAFKAYDIRGRVPDELNEDLARRIGVALAAQLDQGPVVLGHDVRLASPALQEALSAG
LRASGRDVIDIGLCGTEEVYFQTDYLKAAGGVMVTA(SEP)HNPMDYNGMKLVREQARPISSDTGLFAIRDTVAADTAAP
GEPTASEQSRTDKTAYLEHLLSYVDRSTLKPLKLVVNAGNGGAGLIVDLLAPHLPFEFVRVFHEPDGNFPNGIPNPLLPE
NRDATAKAVKDNGADFGIAWDGDFDRCFFFDHTGRFIEGYYLVGLLAQAILAKQPGGKVVHDPRLTWNTVEQVEEAGGIP
VLCKSGHAFIKEKMRSENAVYGGEMSAHHYFREFAYADSGMIPWLLIAELVSQSGRSLADLVEARMQKFPCSGEINFKVA
DAKASVARVMEHYASLSPELDYTDGISADFGQWRFNLRSSNTEPLLRLNVETRGDAALLETRTQEISNLLRG
;
_entity_poly.pdbx_strand_id   A
#
loop_
_chem_comp.id
_chem_comp.type
_chem_comp.name
_chem_comp.formula
CA non-polymer 'CALCIUM ION' 'Ca 2'
P6G non-polymer 'HEXAETHYLENE GLYCOL' 'C12 H26 O7'
#
# COMPACT_ATOMS: atom_id res chain seq x y z
N MET A 21 8.67 24.71 16.75
N MET A 21 10.13 24.20 16.81
CA MET A 21 8.61 23.67 15.73
CA MET A 21 9.04 23.64 16.02
C MET A 21 8.75 22.26 16.30
C MET A 21 8.92 22.15 16.38
N THR A 22 8.66 21.29 15.39
CA THR A 22 8.85 19.87 15.64
C THR A 22 9.65 19.33 14.47
N LEU A 23 10.31 18.20 14.67
CA LEU A 23 11.04 17.57 13.59
C LEU A 23 10.08 17.26 12.44
N PRO A 24 10.25 17.89 11.27
CA PRO A 24 9.26 17.71 10.18
C PRO A 24 9.19 16.31 9.63
N ALA A 25 10.26 15.52 9.75
CA ALA A 25 10.29 14.20 9.14
C ALA A 25 9.30 13.24 9.77
N PHE A 26 8.82 13.51 10.97
CA PHE A 26 7.86 12.63 11.62
C PHE A 26 6.46 12.96 11.13
N LYS A 27 5.92 12.09 10.28
CA LYS A 27 4.59 12.27 9.70
C LYS A 27 3.57 11.44 10.47
N ALA A 28 2.33 11.44 9.98
CA ALA A 28 1.25 10.71 10.66
C ALA A 28 1.54 9.22 10.75
N TYR A 29 2.11 8.63 9.71
CA TYR A 29 2.23 7.18 9.64
C TYR A 29 3.64 6.66 9.47
N ASP A 30 4.62 7.51 9.20
CA ASP A 30 5.98 7.06 9.00
C ASP A 30 6.89 8.27 9.14
N ILE A 31 8.18 8.03 8.92
CA ILE A 31 9.19 9.08 8.93
C ILE A 31 9.64 9.26 7.49
N ARG A 32 9.75 10.52 7.06
N ARG A 32 9.67 10.50 7.03
CA ARG A 32 10.04 10.85 5.67
CA ARG A 32 10.20 10.76 5.71
C ARG A 32 10.63 12.26 5.65
C ARG A 32 10.66 12.20 5.66
N GLY A 33 11.81 12.41 5.05
CA GLY A 33 12.35 13.76 4.95
C GLY A 33 13.56 13.81 4.05
N ARG A 34 13.95 15.03 3.75
CA ARG A 34 15.15 15.28 2.97
C ARG A 34 16.39 14.95 3.80
N VAL A 35 17.33 14.25 3.17
CA VAL A 35 18.62 13.94 3.78
C VAL A 35 19.58 15.03 3.32
N PRO A 36 20.37 15.64 4.21
CA PRO A 36 20.52 15.33 5.64
C PRO A 36 19.85 16.29 6.60
N ASP A 37 19.09 17.27 6.11
CA ASP A 37 18.56 18.27 7.02
C ASP A 37 17.34 17.79 7.79
N GLU A 38 16.51 16.92 7.20
CA GLU A 38 15.35 16.39 7.91
C GLU A 38 15.57 14.98 8.43
N LEU A 39 16.48 14.22 7.83
CA LEU A 39 16.77 12.87 8.25
C LEU A 39 18.24 12.60 7.95
N ASN A 40 18.92 11.97 8.90
CA ASN A 40 20.36 11.72 8.78
C ASN A 40 20.72 10.60 9.75
N GLU A 41 22.01 10.24 9.74
CA GLU A 41 22.46 9.11 10.55
C GLU A 41 22.34 9.39 12.04
N ASP A 42 22.56 10.63 12.46
CA ASP A 42 22.41 10.93 13.88
C ASP A 42 20.96 10.77 14.33
N LEU A 43 20.03 11.34 13.57
CA LEU A 43 18.61 11.18 13.88
C LEU A 43 18.21 9.72 13.84
N ALA A 44 18.70 8.99 12.84
CA ALA A 44 18.39 7.56 12.72
C ALA A 44 18.86 6.79 13.96
N ARG A 45 20.08 7.09 14.42
N ARG A 45 20.08 7.11 14.43
CA ARG A 45 20.59 6.46 15.64
CA ARG A 45 20.57 6.48 15.66
C ARG A 45 19.72 6.80 16.83
C ARG A 45 19.68 6.82 16.85
N ARG A 46 19.33 8.07 16.96
N ARG A 46 19.32 8.09 16.98
CA ARG A 46 18.47 8.46 18.08
CA ARG A 46 18.45 8.50 18.08
C ARG A 46 17.09 7.84 17.99
C ARG A 46 17.09 7.82 17.99
N ILE A 47 16.57 7.65 16.76
CA ILE A 47 15.30 6.94 16.58
C ILE A 47 15.42 5.50 17.08
N GLY A 48 16.56 4.86 16.81
CA GLY A 48 16.75 3.50 17.31
C GLY A 48 16.77 3.43 18.82
N VAL A 49 17.45 4.39 19.46
CA VAL A 49 17.45 4.47 20.92
C VAL A 49 16.03 4.65 21.44
N ALA A 50 15.30 5.60 20.84
CA ALA A 50 13.94 5.88 21.29
C ALA A 50 13.01 4.70 21.03
N LEU A 51 13.19 4.01 19.91
CA LEU A 51 12.35 2.86 19.59
C LEU A 51 12.53 1.75 20.61
N ALA A 52 13.77 1.48 21.01
CA ALA A 52 14.03 0.48 22.04
C ALA A 52 13.25 0.76 23.31
N ALA A 53 13.05 2.03 23.64
CA ALA A 53 12.29 2.40 24.84
C ALA A 53 10.79 2.22 24.67
N GLN A 54 10.29 2.09 23.43
CA GLN A 54 8.86 2.04 23.19
C GLN A 54 8.32 0.63 23.00
N LEU A 55 9.16 -0.35 22.71
CA LEU A 55 8.73 -1.69 22.38
C LEU A 55 8.72 -2.60 23.60
N ASP A 56 7.89 -3.63 23.55
CA ASP A 56 8.00 -4.72 24.50
C ASP A 56 9.33 -5.45 24.25
N GLN A 57 9.63 -6.45 25.07
CA GLN A 57 10.94 -7.08 24.96
C GLN A 57 11.04 -7.90 23.67
N GLY A 58 12.27 -8.03 23.19
CA GLY A 58 12.54 -8.86 22.04
C GLY A 58 13.47 -8.18 21.06
N PRO A 59 13.85 -8.89 20.00
CA PRO A 59 14.72 -8.31 18.98
C PRO A 59 13.94 -7.41 18.03
N VAL A 60 14.68 -6.66 17.22
CA VAL A 60 14.13 -5.74 16.24
C VAL A 60 14.64 -6.10 14.86
N VAL A 61 13.71 -6.26 13.91
CA VAL A 61 14.02 -6.55 12.52
C VAL A 61 14.32 -5.25 11.79
N LEU A 62 15.40 -5.23 11.02
CA LEU A 62 15.74 -4.08 10.17
C LEU A 62 15.91 -4.52 8.72
N GLY A 63 15.33 -3.75 7.80
CA GLY A 63 15.56 -3.96 6.38
C GLY A 63 15.56 -2.61 5.67
N HIS A 64 15.89 -2.64 4.37
CA HIS A 64 16.01 -1.37 3.65
C HIS A 64 15.78 -1.60 2.16
N ASP A 65 15.49 -0.48 1.48
CA ASP A 65 15.18 -0.48 0.07
C ASP A 65 16.45 -0.17 -0.74
N VAL A 66 16.26 -0.01 -2.06
CA VAL A 66 17.38 0.17 -2.97
C VAL A 66 18.01 1.56 -2.95
N ARG A 67 17.45 2.52 -2.21
CA ARG A 67 18.02 3.87 -2.25
C ARG A 67 19.45 3.84 -1.74
N LEU A 68 20.30 4.67 -2.32
CA LEU A 68 21.73 4.57 -2.03
C LEU A 68 22.04 4.84 -0.57
N ALA A 69 21.32 5.77 0.05
CA ALA A 69 21.56 6.13 1.45
C ALA A 69 20.90 5.20 2.44
N SER A 70 20.00 4.33 2.00
CA SER A 70 19.28 3.49 2.94
C SER A 70 20.17 2.64 3.83
N PRO A 71 21.20 1.95 3.33
CA PRO A 71 21.98 1.11 4.24
C PRO A 71 22.60 1.87 5.40
N ALA A 72 23.13 3.07 5.15
CA ALA A 72 23.74 3.83 6.23
C ALA A 72 22.71 4.21 7.29
N LEU A 73 21.49 4.53 6.86
CA LEU A 73 20.45 4.86 7.82
C LEU A 73 20.07 3.63 8.65
N GLN A 74 20.00 2.46 8.00
CA GLN A 74 19.77 1.23 8.74
C GLN A 74 20.88 0.97 9.74
N GLU A 75 22.13 1.17 9.33
CA GLU A 75 23.23 0.89 10.24
C GLU A 75 23.16 1.79 11.47
N ALA A 76 22.74 3.04 11.29
CA ALA A 76 22.59 3.94 12.43
C ALA A 76 21.46 3.50 13.35
N LEU A 77 20.32 3.11 12.78
CA LEU A 77 19.25 2.53 13.60
C LEU A 77 19.79 1.38 14.43
N SER A 78 20.53 0.48 13.78
CA SER A 78 21.06 -0.69 14.46
C SER A 78 21.99 -0.29 15.60
N ALA A 79 22.86 0.71 15.36
CA ALA A 79 23.76 1.15 16.41
C ALA A 79 22.99 1.67 17.60
N GLY A 80 21.94 2.46 17.35
CA GLY A 80 21.16 2.98 18.45
C GLY A 80 20.42 1.88 19.20
N LEU A 81 19.80 0.95 18.45
CA LEU A 81 19.11 -0.18 19.05
C LEU A 81 20.05 -1.04 19.89
N ARG A 82 21.23 -1.35 19.34
CA ARG A 82 22.17 -2.21 20.07
C ARG A 82 22.77 -1.50 21.27
N ALA A 83 22.96 -0.18 21.19
CA ALA A 83 23.39 0.57 22.35
C ALA A 83 22.36 0.48 23.48
N SER A 84 21.09 0.30 23.12
CA SER A 84 20.00 0.17 24.07
C SER A 84 19.69 -1.28 24.41
N GLY A 85 20.60 -2.20 24.09
CA GLY A 85 20.46 -3.58 24.49
C GLY A 85 19.51 -4.41 23.64
N ARG A 86 19.18 -3.96 22.43
CA ARG A 86 18.28 -4.70 21.56
C ARG A 86 19.09 -5.50 20.56
N ASP A 87 18.83 -6.82 20.50
CA ASP A 87 19.37 -7.60 19.41
C ASP A 87 18.69 -7.19 18.11
N VAL A 88 19.47 -7.11 17.05
CA VAL A 88 19.02 -6.64 15.75
C VAL A 88 19.07 -7.80 14.79
N ILE A 89 17.99 -8.00 14.05
CA ILE A 89 17.93 -9.01 13.00
C ILE A 89 17.94 -8.25 11.68
N ASP A 90 19.08 -8.27 11.00
CA ASP A 90 19.29 -7.57 9.74
C ASP A 90 18.80 -8.48 8.62
N ILE A 91 17.66 -8.13 8.02
CA ILE A 91 17.15 -8.91 6.88
C ILE A 91 17.63 -8.36 5.55
N GLY A 92 18.44 -7.31 5.55
CA GLY A 92 19.08 -6.83 4.34
C GLY A 92 18.17 -6.06 3.42
N LEU A 93 18.59 -6.01 2.16
CA LEU A 93 17.80 -5.37 1.11
C LEU A 93 16.52 -6.17 0.88
N CYS A 94 15.37 -5.51 0.97
CA CYS A 94 14.12 -6.25 0.99
C CYS A 94 12.97 -5.32 0.61
N GLY A 95 11.78 -5.89 0.57
CA GLY A 95 10.58 -5.08 0.48
C GLY A 95 10.01 -4.80 1.84
N THR A 96 9.24 -3.71 1.92
CA THR A 96 8.61 -3.35 3.18
C THR A 96 7.83 -4.53 3.76
N GLU A 97 7.12 -5.27 2.92
CA GLU A 97 6.36 -6.40 3.42
C GLU A 97 7.23 -7.49 4.03
N GLU A 98 8.51 -7.56 3.65
CA GLU A 98 9.40 -8.53 4.27
C GLU A 98 9.75 -8.13 5.70
N VAL A 99 9.87 -6.83 5.98
CA VAL A 99 10.02 -6.41 7.37
C VAL A 99 8.79 -6.77 8.17
N TYR A 100 7.60 -6.53 7.61
CA TYR A 100 6.37 -6.93 8.30
C TYR A 100 6.35 -8.42 8.55
N PHE A 101 6.58 -9.21 7.50
CA PHE A 101 6.53 -10.66 7.63
C PHE A 101 7.53 -11.17 8.65
N GLN A 102 8.80 -10.78 8.52
CA GLN A 102 9.80 -11.31 9.43
C GLN A 102 9.57 -10.84 10.86
N THR A 103 9.08 -9.61 11.05
CA THR A 103 8.79 -9.15 12.41
C THR A 103 7.77 -10.07 13.07
N ASP A 104 6.71 -10.39 12.34
CA ASP A 104 5.71 -11.28 12.89
C ASP A 104 6.25 -12.70 12.99
N TYR A 105 6.85 -13.20 11.89
CA TYR A 105 7.24 -14.60 11.83
C TYR A 105 8.29 -14.93 12.88
N LEU A 106 9.26 -14.03 13.08
CA LEU A 106 10.30 -14.27 14.07
C LEU A 106 9.87 -13.85 15.47
N LYS A 107 8.63 -13.42 15.66
CA LYS A 107 8.13 -13.01 16.97
C LYS A 107 8.99 -11.91 17.57
N ALA A 108 9.42 -10.98 16.72
CA ALA A 108 10.24 -9.86 17.14
C ALA A 108 9.41 -8.86 17.94
N ALA A 109 10.13 -7.99 18.67
CA ALA A 109 9.48 -6.89 19.35
C ALA A 109 9.01 -5.81 18.38
N GLY A 110 9.61 -5.72 17.20
CA GLY A 110 9.25 -4.67 16.26
C GLY A 110 10.18 -4.72 15.07
N GLY A 111 9.97 -3.78 14.16
CA GLY A 111 10.75 -3.76 12.94
C GLY A 111 10.77 -2.38 12.33
N VAL A 112 11.83 -2.11 11.58
CA VAL A 112 11.92 -0.86 10.84
C VAL A 112 12.35 -1.17 9.42
N MET A 113 11.63 -0.61 8.45
CA MET A 113 12.03 -0.62 7.06
C MET A 113 12.52 0.79 6.71
N VAL A 114 13.74 0.88 6.19
CA VAL A 114 14.26 2.14 5.68
C VAL A 114 13.87 2.23 4.20
N THR A 115 12.99 3.16 3.87
CA THR A 115 12.47 3.26 2.51
C THR A 115 12.04 4.69 2.25
N ALA A 116 12.28 5.13 1.02
CA ALA A 116 12.02 6.50 0.57
C ALA A 116 10.79 6.52 -0.32
N SEP A 117 10.22 5.34 -0.55
CA SEP A 117 9.00 5.25 -1.35
CB SEP A 117 7.85 5.92 -0.62
OG SEP A 117 6.68 5.96 -1.43
C SEP A 117 9.26 5.87 -2.72
O SEP A 117 10.23 5.53 -3.39
P SEP A 117 5.77 4.71 -1.05
O1P SEP A 117 5.39 4.78 0.52
O2P SEP A 117 6.57 3.33 -1.35
O3P SEP A 117 4.41 4.78 -1.90
N HIS A 118 8.42 6.82 -3.13
CA HIS A 118 8.65 7.50 -4.40
C HIS A 118 9.01 8.97 -4.22
N ASN A 119 9.54 9.29 -3.04
CA ASN A 119 10.02 10.63 -2.77
C ASN A 119 11.28 10.90 -3.59
N PRO A 120 11.69 12.17 -3.71
CA PRO A 120 12.83 12.51 -4.57
C PRO A 120 14.12 11.81 -4.16
N MET A 121 15.13 11.95 -5.04
CA MET A 121 16.43 11.30 -4.85
C MET A 121 17.12 11.76 -3.57
N ASP A 122 16.85 12.96 -3.08
N ASP A 122 16.73 12.95 -3.12
CA ASP A 122 17.51 13.38 -1.85
CA ASP A 122 17.17 13.71 -1.95
C ASP A 122 16.67 13.11 -0.60
C ASP A 122 16.64 13.15 -0.64
N TYR A 123 15.65 12.25 -0.70
CA TYR A 123 14.81 11.92 0.44
C TYR A 123 15.04 10.48 0.90
N ASN A 124 14.66 10.21 2.14
CA ASN A 124 14.58 8.84 2.64
C ASN A 124 13.53 8.81 3.74
N GLY A 125 13.37 7.65 4.35
CA GLY A 125 12.37 7.55 5.39
C GLY A 125 12.39 6.21 6.07
N MET A 126 11.40 6.00 6.96
CA MET A 126 11.35 4.78 7.75
C MET A 126 9.90 4.45 8.03
N LYS A 127 9.58 3.16 8.00
CA LYS A 127 8.28 2.67 8.43
C LYS A 127 8.51 1.73 9.60
N LEU A 128 7.80 1.97 10.70
CA LEU A 128 8.09 1.33 11.97
C LEU A 128 6.89 0.51 12.43
N VAL A 129 7.15 -0.68 12.94
CA VAL A 129 6.11 -1.56 13.44
C VAL A 129 6.57 -2.14 14.77
N ARG A 130 5.59 -2.54 15.60
CA ARG A 130 5.86 -3.27 16.83
C ARG A 130 5.49 -4.75 16.64
N GLU A 131 5.12 -5.42 17.74
CA GLU A 131 4.85 -6.86 17.68
C GLU A 131 3.74 -7.17 16.68
N GLN A 132 3.89 -8.32 16.02
N GLN A 132 3.88 -8.33 16.03
CA GLN A 132 2.96 -8.78 14.97
CA GLN A 132 2.96 -8.79 14.96
C GLN A 132 2.87 -7.79 13.82
C GLN A 132 2.87 -7.80 13.82
N ALA A 133 3.90 -6.97 13.63
CA ALA A 133 3.91 -5.95 12.56
C ALA A 133 2.78 -4.93 12.72
N ARG A 134 2.35 -4.71 13.95
CA ARG A 134 1.35 -3.69 14.20
C ARG A 134 1.95 -2.31 13.95
N PRO A 135 1.25 -1.44 13.23
CA PRO A 135 1.81 -0.12 12.91
C PRO A 135 2.13 0.71 14.14
N ILE A 136 3.24 1.44 14.06
CA ILE A 136 3.55 2.54 14.97
C ILE A 136 3.31 3.83 14.19
N SER A 137 2.32 4.61 14.64
CA SER A 137 1.86 5.82 13.96
C SER A 137 1.89 6.96 14.95
N SER A 138 1.56 8.16 14.45
CA SER A 138 1.75 9.39 15.23
C SER A 138 1.14 9.29 16.62
N ASP A 139 -0.08 8.75 16.72
CA ASP A 139 -0.78 8.63 17.99
C ASP A 139 -0.60 7.27 18.67
N THR A 140 0.21 6.38 18.11
CA THR A 140 0.48 5.07 18.70
C THR A 140 1.97 4.84 18.91
N GLY A 141 2.73 5.90 19.15
CA GLY A 141 4.14 5.74 19.49
C GLY A 141 5.08 6.58 18.65
N LEU A 142 4.69 6.96 17.43
CA LEU A 142 5.65 7.63 16.55
C LEU A 142 6.00 9.03 17.04
N PHE A 143 5.01 9.78 17.52
CA PHE A 143 5.31 11.10 18.07
C PHE A 143 5.96 10.99 19.45
N ALA A 144 5.69 9.92 20.18
CA ALA A 144 6.47 9.69 21.40
C ALA A 144 7.94 9.50 21.06
N ILE A 145 8.22 8.70 20.05
CA ILE A 145 9.59 8.55 19.57
C ILE A 145 10.14 9.89 19.13
N ARG A 146 9.34 10.66 18.38
CA ARG A 146 9.80 11.97 17.92
C ARG A 146 10.21 12.86 19.08
N ASP A 147 9.36 12.94 20.12
CA ASP A 147 9.65 13.82 21.24
C ASP A 147 10.86 13.35 22.04
N THR A 148 11.01 12.04 22.19
CA THR A 148 12.22 11.50 22.80
C THR A 148 13.45 11.87 21.98
N VAL A 149 13.40 11.63 20.67
CA VAL A 149 14.53 11.96 19.79
C VAL A 149 14.85 13.44 19.88
N ALA A 150 13.81 14.28 19.86
CA ALA A 150 14.01 15.72 19.84
C ALA A 150 14.74 16.22 21.08
N ALA A 151 14.55 15.54 22.22
CA ALA A 151 15.14 15.97 23.48
C ALA A 151 16.38 15.18 23.85
N ASP A 152 16.83 14.26 22.99
CA ASP A 152 17.93 13.37 23.30
C ASP A 152 19.24 14.07 23.00
N THR A 153 19.95 14.45 24.07
CA THR A 153 21.30 14.99 23.96
C THR A 153 22.33 14.07 24.61
N ALA A 154 21.96 12.82 24.87
CA ALA A 154 22.88 11.93 25.56
C ALA A 154 24.00 11.50 24.63
N ALA A 155 25.14 11.16 25.21
CA ALA A 155 26.24 10.59 24.45
C ALA A 155 25.81 9.25 23.85
N PRO A 156 26.17 8.97 22.60
CA PRO A 156 25.90 7.63 22.04
C PRO A 156 26.62 6.59 22.87
N GLY A 157 25.86 5.64 23.41
CA GLY A 157 26.44 4.54 24.12
C GLY A 157 27.09 3.56 23.17
N GLU A 158 27.79 2.61 23.74
CA GLU A 158 28.33 1.60 22.85
C GLU A 158 27.45 0.36 22.88
N PRO A 159 27.58 -0.53 21.90
CA PRO A 159 26.65 -1.65 21.78
C PRO A 159 26.73 -2.59 22.97
N THR A 160 25.56 -3.02 23.43
CA THR A 160 25.44 -4.06 24.45
C THR A 160 24.64 -5.24 23.94
N ALA A 161 24.35 -5.27 22.65
CA ALA A 161 23.62 -6.36 22.04
C ALA A 161 24.20 -6.60 20.65
N SER A 162 23.84 -7.74 20.09
CA SER A 162 24.44 -8.22 18.86
C SER A 162 23.52 -7.92 17.68
N GLU A 163 24.10 -8.01 16.49
CA GLU A 163 23.35 -8.00 15.25
C GLU A 163 23.58 -9.31 14.53
N GLN A 164 22.51 -9.90 14.01
CA GLN A 164 22.58 -11.11 13.21
C GLN A 164 22.06 -10.81 11.82
N SER A 165 22.73 -11.35 10.82
CA SER A 165 22.28 -11.24 9.44
C SER A 165 21.38 -12.43 9.14
N ARG A 166 20.13 -12.17 8.80
CA ARG A 166 19.17 -13.23 8.48
C ARG A 166 18.62 -12.96 7.09
N THR A 167 19.25 -13.57 6.08
CA THR A 167 18.81 -13.35 4.71
C THR A 167 18.04 -14.54 4.13
N ASP A 168 17.70 -15.52 4.95
CA ASP A 168 16.91 -16.64 4.47
C ASP A 168 15.49 -16.17 4.19
N LYS A 169 15.04 -16.34 2.96
CA LYS A 169 13.69 -15.93 2.56
C LYS A 169 12.75 -17.10 2.44
N THR A 170 13.18 -18.31 2.83
CA THR A 170 12.39 -19.51 2.58
C THR A 170 10.99 -19.40 3.16
N ALA A 171 10.89 -19.06 4.44
CA ALA A 171 9.58 -18.98 5.10
C ALA A 171 8.70 -17.94 4.43
N TYR A 172 9.28 -16.80 4.04
CA TYR A 172 8.52 -15.77 3.32
C TYR A 172 8.02 -16.28 1.98
N LEU A 173 8.91 -16.94 1.21
CA LEU A 173 8.51 -17.45 -0.11
C LEU A 173 7.47 -18.56 0.04
N GLU A 174 7.66 -19.45 1.01
CA GLU A 174 6.66 -20.47 1.24
C GLU A 174 5.32 -19.85 1.60
N HIS A 175 5.36 -18.75 2.36
CA HIS A 175 4.11 -18.11 2.75
C HIS A 175 3.41 -17.51 1.53
N LEU A 176 4.14 -16.81 0.67
CA LEU A 176 3.55 -16.26 -0.54
C LEU A 176 2.91 -17.35 -1.38
N LEU A 177 3.62 -18.46 -1.58
CA LEU A 177 3.13 -19.54 -2.42
C LEU A 177 1.93 -20.25 -1.81
N SER A 178 1.74 -20.15 -0.49
CA SER A 178 0.63 -20.82 0.17
C SER A 178 -0.72 -20.25 -0.22
N TYR A 179 -0.77 -19.08 -0.84
CA TYR A 179 -2.04 -18.51 -1.25
C TYR A 179 -2.59 -19.11 -2.52
N VAL A 180 -1.82 -19.92 -3.25
CA VAL A 180 -2.29 -20.47 -4.50
C VAL A 180 -2.08 -21.97 -4.53
N ASP A 181 -2.93 -22.64 -5.30
CA ASP A 181 -2.76 -24.07 -5.57
C ASP A 181 -1.92 -24.15 -6.83
N ARG A 182 -0.63 -24.50 -6.65
CA ARG A 182 0.30 -24.45 -7.76
C ARG A 182 -0.06 -25.42 -8.88
N SER A 183 -0.75 -26.53 -8.56
CA SER A 183 -1.11 -27.48 -9.60
C SER A 183 -2.20 -26.95 -10.52
N THR A 184 -2.87 -25.86 -10.15
CA THR A 184 -3.91 -25.27 -10.99
C THR A 184 -3.42 -24.11 -11.82
N LEU A 185 -2.18 -23.68 -11.63
CA LEU A 185 -1.67 -22.54 -12.37
C LEU A 185 -1.35 -22.94 -13.79
N LYS A 186 -1.62 -22.04 -14.72
N LYS A 186 -1.63 -22.04 -14.72
CA LYS A 186 -1.30 -22.24 -16.12
CA LYS A 186 -1.32 -22.18 -16.13
C LYS A 186 -0.09 -21.39 -16.49
C LYS A 186 -0.06 -21.41 -16.47
N PRO A 187 0.63 -21.77 -17.56
CA PRO A 187 1.86 -21.04 -17.94
C PRO A 187 1.56 -19.70 -18.60
N LEU A 188 0.88 -18.84 -17.84
CA LEU A 188 0.64 -17.48 -18.31
C LEU A 188 1.93 -16.74 -18.60
N LYS A 189 1.87 -15.84 -19.55
CA LYS A 189 2.97 -14.94 -19.87
C LYS A 189 2.68 -13.63 -19.16
N LEU A 190 3.54 -13.27 -18.20
CA LEU A 190 3.33 -12.10 -17.35
C LEU A 190 4.48 -11.12 -17.52
N VAL A 191 4.15 -9.86 -17.82
CA VAL A 191 5.14 -8.79 -17.76
C VAL A 191 5.30 -8.39 -16.31
N VAL A 192 6.55 -8.28 -15.86
CA VAL A 192 6.85 -7.80 -14.52
C VAL A 192 7.78 -6.60 -14.63
N ASN A 193 7.44 -5.53 -13.92
CA ASN A 193 8.18 -4.27 -14.02
C ASN A 193 8.49 -3.77 -12.63
N ALA A 194 9.70 -4.07 -12.15
CA ALA A 194 10.10 -3.62 -10.84
C ALA A 194 10.47 -2.15 -10.80
N GLY A 195 10.61 -1.50 -11.96
CA GLY A 195 10.93 -0.09 -11.99
C GLY A 195 12.29 0.21 -11.41
N ASN A 196 13.17 -0.79 -11.39
CA ASN A 196 14.48 -0.72 -10.75
C ASN A 196 14.40 -0.61 -9.24
N GLY A 197 13.22 -0.85 -8.66
CA GLY A 197 13.09 -1.07 -7.23
C GLY A 197 13.48 -2.50 -6.90
N GLY A 198 12.91 -3.04 -5.82
CA GLY A 198 13.33 -4.32 -5.31
C GLY A 198 12.49 -5.53 -5.68
N ALA A 199 11.41 -5.36 -6.45
CA ALA A 199 10.47 -6.47 -6.61
C ALA A 199 11.06 -7.61 -7.41
N GLY A 200 12.03 -7.33 -8.29
CA GLY A 200 12.52 -8.38 -9.17
C GLY A 200 13.20 -9.50 -8.44
N LEU A 201 13.88 -9.18 -7.34
N LEU A 201 13.83 -9.19 -7.31
CA LEU A 201 14.54 -10.20 -6.53
CA LEU A 201 14.54 -10.20 -6.55
C LEU A 201 13.53 -11.26 -6.10
C LEU A 201 13.57 -11.25 -6.02
N ILE A 202 12.39 -10.82 -5.58
CA ILE A 202 11.37 -11.77 -5.13
C ILE A 202 10.74 -12.50 -6.30
N VAL A 203 10.44 -11.79 -7.39
CA VAL A 203 9.91 -12.48 -8.57
C VAL A 203 10.83 -13.60 -8.98
N ASP A 204 12.13 -13.34 -8.99
CA ASP A 204 13.07 -14.36 -9.47
C ASP A 204 13.18 -15.53 -8.51
N LEU A 205 13.00 -15.30 -7.20
CA LEU A 205 13.01 -16.41 -6.26
C LEU A 205 11.71 -17.21 -6.34
N LEU A 206 10.61 -16.57 -6.75
CA LEU A 206 9.36 -17.30 -6.91
C LEU A 206 9.32 -18.08 -8.21
N ALA A 207 10.00 -17.58 -9.25
CA ALA A 207 9.82 -18.12 -10.60
C ALA A 207 10.10 -19.62 -10.72
N PRO A 208 11.14 -20.19 -10.09
CA PRO A 208 11.33 -21.66 -10.20
C PRO A 208 10.17 -22.47 -9.68
N HIS A 209 9.31 -21.87 -8.85
CA HIS A 209 8.18 -22.57 -8.26
C HIS A 209 6.87 -22.31 -8.99
N LEU A 210 6.92 -21.61 -10.13
CA LEU A 210 5.71 -21.23 -10.84
C LEU A 210 5.88 -21.56 -12.32
N PRO A 211 4.77 -21.77 -13.03
CA PRO A 211 4.86 -22.13 -14.45
C PRO A 211 4.87 -20.94 -15.38
N PHE A 212 4.83 -19.72 -14.85
CA PHE A 212 4.65 -18.54 -15.68
C PHE A 212 5.89 -18.27 -16.52
N GLU A 213 5.67 -17.61 -17.64
CA GLU A 213 6.72 -17.10 -18.51
C GLU A 213 6.80 -15.61 -18.23
N PHE A 214 7.93 -15.16 -17.67
CA PHE A 214 8.08 -13.78 -17.25
C PHE A 214 8.77 -12.96 -18.32
N VAL A 215 8.25 -11.76 -18.53
CA VAL A 215 8.87 -10.75 -19.38
C VAL A 215 9.31 -9.64 -18.43
N ARG A 216 10.62 -9.48 -18.24
CA ARG A 216 11.16 -8.63 -17.17
C ARG A 216 11.52 -7.26 -17.74
N VAL A 217 10.93 -6.21 -17.16
CA VAL A 217 11.15 -4.82 -17.57
C VAL A 217 11.71 -4.06 -16.39
N PHE A 218 12.73 -3.24 -16.65
CA PHE A 218 13.36 -2.43 -15.59
C PHE A 218 13.56 -3.27 -14.34
N HIS A 219 14.21 -4.41 -14.53
CA HIS A 219 14.19 -5.48 -13.55
C HIS A 219 15.28 -5.36 -12.49
N GLU A 220 16.43 -4.82 -12.85
CA GLU A 220 17.58 -4.82 -11.97
C GLU A 220 17.45 -3.71 -10.93
N PRO A 221 17.70 -4.00 -9.65
CA PRO A 221 17.61 -2.96 -8.62
C PRO A 221 18.70 -1.92 -8.86
N ASP A 222 18.30 -0.65 -8.88
CA ASP A 222 19.25 0.42 -9.17
C ASP A 222 18.73 1.69 -8.51
N GLY A 223 19.27 2.02 -7.33
CA GLY A 223 18.91 3.24 -6.65
C GLY A 223 19.29 4.53 -7.36
N ASN A 224 20.00 4.46 -8.48
CA ASN A 224 20.17 5.64 -9.29
C ASN A 224 18.97 5.89 -10.19
N PHE A 225 18.11 4.88 -10.34
CA PHE A 225 16.85 5.01 -11.07
C PHE A 225 17.01 5.58 -12.47
N PRO A 226 17.75 4.88 -13.35
CA PRO A 226 17.93 5.37 -14.72
C PRO A 226 16.63 5.47 -15.49
N ASN A 227 15.59 4.74 -15.07
CA ASN A 227 14.30 4.81 -15.73
C ASN A 227 13.26 5.56 -14.91
N GLY A 228 13.70 6.40 -13.97
CA GLY A 228 12.80 7.16 -13.13
C GLY A 228 12.55 6.49 -11.79
N ILE A 229 12.22 7.31 -10.80
CA ILE A 229 11.83 6.76 -9.50
C ILE A 229 10.61 5.88 -9.69
N PRO A 230 10.55 4.69 -9.12
CA PRO A 230 9.42 3.79 -9.40
C PRO A 230 8.11 4.36 -8.90
N ASN A 231 7.18 4.54 -9.83
CA ASN A 231 5.86 5.04 -9.57
C ASN A 231 4.98 4.69 -10.76
N PRO A 232 4.36 3.51 -10.75
CA PRO A 232 3.56 3.09 -11.91
C PRO A 232 2.35 3.94 -12.18
N LEU A 233 1.97 4.84 -11.28
CA LEU A 233 0.83 5.72 -11.53
C LEU A 233 1.16 6.87 -12.47
N LEU A 234 2.44 7.21 -12.65
CA LEU A 234 2.77 8.26 -13.60
C LEU A 234 2.60 7.73 -15.01
N PRO A 235 1.93 8.47 -15.91
CA PRO A 235 1.69 7.95 -17.26
C PRO A 235 2.92 7.47 -18.00
N GLU A 236 4.06 8.18 -17.92
CA GLU A 236 5.25 7.72 -18.63
C GLU A 236 5.68 6.34 -18.12
N ASN A 237 5.59 6.11 -16.81
CA ASN A 237 5.99 4.84 -16.24
C ASN A 237 4.96 3.76 -16.52
N ARG A 238 3.67 4.12 -16.41
CA ARG A 238 2.58 3.24 -16.78
C ARG A 238 2.78 2.69 -18.19
N ASP A 239 3.15 3.57 -19.14
CA ASP A 239 3.22 3.16 -20.54
C ASP A 239 4.30 2.13 -20.80
N ALA A 240 5.40 2.13 -20.01
CA ALA A 240 6.44 1.12 -20.19
C ALA A 240 5.91 -0.29 -19.95
N THR A 241 5.04 -0.46 -18.95
CA THR A 241 4.46 -1.79 -18.73
C THR A 241 3.42 -2.11 -19.80
N ALA A 242 2.57 -1.13 -20.13
CA ALA A 242 1.54 -1.35 -21.14
C ALA A 242 2.17 -1.79 -22.46
N LYS A 243 3.25 -1.11 -22.86
CA LYS A 243 3.91 -1.42 -24.12
C LYS A 243 4.49 -2.82 -24.10
N ALA A 244 5.11 -3.20 -22.99
CA ALA A 244 5.69 -4.53 -22.88
C ALA A 244 4.61 -5.60 -22.94
N VAL A 245 3.45 -5.36 -22.30
CA VAL A 245 2.34 -6.31 -22.40
C VAL A 245 1.90 -6.46 -23.85
N LYS A 246 1.65 -5.33 -24.50
CA LYS A 246 1.10 -5.37 -25.86
C LYS A 246 2.10 -5.99 -26.83
N ASP A 247 3.38 -5.59 -26.74
CA ASP A 247 4.37 -6.04 -27.70
C ASP A 247 4.70 -7.52 -27.55
N ASN A 248 4.46 -8.10 -26.38
CA ASN A 248 4.81 -9.47 -26.09
C ASN A 248 3.60 -10.40 -25.99
N GLY A 249 2.39 -9.88 -26.22
CA GLY A 249 1.20 -10.71 -26.11
C GLY A 249 1.04 -11.30 -24.73
N ALA A 250 1.41 -10.55 -23.70
CA ALA A 250 1.35 -11.08 -22.34
C ALA A 250 -0.10 -11.17 -21.87
N ASP A 251 -0.35 -12.13 -20.99
CA ASP A 251 -1.69 -12.27 -20.40
C ASP A 251 -2.04 -11.06 -19.54
N PHE A 252 -1.11 -10.60 -18.73
CA PHE A 252 -1.25 -9.35 -18.01
C PHE A 252 0.13 -8.86 -17.59
N GLY A 253 0.17 -7.65 -17.06
CA GLY A 253 1.40 -7.07 -16.55
C GLY A 253 1.23 -6.62 -15.13
N ILE A 254 2.34 -6.63 -14.39
CA ILE A 254 2.37 -6.20 -13.01
C ILE A 254 3.54 -5.25 -12.85
N ALA A 255 3.29 -4.12 -12.23
CA ALA A 255 4.36 -3.19 -11.86
C ALA A 255 4.27 -2.93 -10.37
N TRP A 256 5.39 -2.51 -9.78
CA TRP A 256 5.45 -2.25 -8.34
C TRP A 256 6.05 -0.89 -8.08
N ASP A 257 5.73 -0.34 -6.90
CA ASP A 257 6.54 0.74 -6.38
C ASP A 257 7.89 0.18 -5.89
N GLY A 258 8.73 1.08 -5.41
CA GLY A 258 10.12 0.71 -5.17
C GLY A 258 10.29 -0.32 -4.06
N ASP A 259 9.50 -0.20 -3.00
CA ASP A 259 9.57 -1.12 -1.87
C ASP A 259 8.54 -2.22 -1.99
N PHE A 260 7.87 -2.28 -3.15
CA PHE A 260 6.95 -3.30 -3.63
C PHE A 260 5.80 -3.68 -2.68
N ASP A 261 5.39 -2.78 -1.80
CA ASP A 261 4.14 -3.04 -1.08
C ASP A 261 2.92 -2.55 -1.84
N ARG A 262 3.11 -1.97 -3.02
CA ARG A 262 2.02 -1.63 -3.91
C ARG A 262 2.27 -2.29 -5.26
N CYS A 263 1.24 -2.93 -5.81
CA CYS A 263 1.33 -3.49 -7.14
C CYS A 263 0.22 -2.91 -8.02
N PHE A 264 0.45 -2.99 -9.32
CA PHE A 264 -0.35 -2.30 -10.33
C PHE A 264 -0.53 -3.22 -11.51
N PHE A 265 -1.77 -3.35 -11.99
CA PHE A 265 -2.13 -4.38 -12.97
C PHE A 265 -2.50 -3.78 -14.32
N PHE A 266 -2.11 -4.49 -15.37
CA PHE A 266 -2.36 -4.08 -16.75
C PHE A 266 -2.92 -5.30 -17.46
N ASP A 267 -4.07 -5.15 -18.11
CA ASP A 267 -4.65 -6.30 -18.76
C ASP A 267 -3.95 -6.59 -20.08
N HIS A 268 -4.41 -7.64 -20.77
CA HIS A 268 -3.73 -8.06 -21.99
C HIS A 268 -3.80 -7.01 -23.10
N THR A 269 -4.73 -6.06 -23.01
CA THR A 269 -4.74 -4.97 -23.96
C THR A 269 -3.77 -3.84 -23.59
N GLY A 270 -3.04 -3.97 -22.49
CA GLY A 270 -2.17 -2.91 -21.99
C GLY A 270 -2.85 -1.92 -21.09
N ARG A 271 -4.16 -2.07 -20.90
CA ARG A 271 -4.95 -1.12 -20.12
C ARG A 271 -4.62 -1.27 -18.63
N PHE A 272 -4.33 -0.14 -17.98
CA PHE A 272 -4.13 -0.15 -16.54
C PHE A 272 -5.48 -0.27 -15.85
N ILE A 273 -5.55 -1.17 -14.85
CA ILE A 273 -6.80 -1.42 -14.14
C ILE A 273 -6.84 -0.53 -12.91
N GLU A 274 -7.84 0.35 -12.84
N GLU A 274 -7.81 0.37 -12.85
CA GLU A 274 -7.98 1.23 -11.70
CA GLU A 274 -7.91 1.26 -11.70
C GLU A 274 -8.08 0.40 -10.42
C GLU A 274 -8.08 0.43 -10.43
N GLY A 275 -7.34 0.81 -9.39
CA GLY A 275 -7.22 -0.01 -8.19
C GLY A 275 -8.53 -0.32 -7.49
N TYR A 276 -9.55 0.52 -7.67
CA TYR A 276 -10.86 0.24 -7.07
C TYR A 276 -11.32 -1.17 -7.41
N TYR A 277 -11.21 -1.56 -8.68
CA TYR A 277 -11.77 -2.83 -9.11
C TYR A 277 -10.95 -4.02 -8.60
N LEU A 278 -9.70 -3.80 -8.19
N LEU A 278 -9.70 -3.80 -8.19
CA LEU A 278 -8.93 -4.91 -7.65
CA LEU A 278 -8.93 -4.92 -7.66
C LEU A 278 -9.46 -5.35 -6.30
C LEU A 278 -9.42 -5.34 -6.28
N VAL A 279 -10.04 -4.43 -5.53
CA VAL A 279 -10.54 -4.78 -4.20
C VAL A 279 -11.61 -5.86 -4.30
N GLY A 280 -12.62 -5.65 -5.15
CA GLY A 280 -13.66 -6.64 -5.30
C GLY A 280 -13.13 -7.92 -5.92
N LEU A 281 -12.19 -7.80 -6.86
CA LEU A 281 -11.66 -8.97 -7.53
C LEU A 281 -10.85 -9.83 -6.56
N LEU A 282 -9.97 -9.21 -5.80
CA LEU A 282 -9.20 -9.97 -4.81
C LEU A 282 -10.08 -10.52 -3.71
N ALA A 283 -11.12 -9.79 -3.29
CA ALA A 283 -12.04 -10.33 -2.30
C ALA A 283 -12.72 -11.59 -2.81
N GLN A 284 -13.16 -11.57 -4.06
N GLN A 284 -13.18 -11.55 -4.06
CA GLN A 284 -13.80 -12.76 -4.61
CA GLN A 284 -13.78 -12.72 -4.70
C GLN A 284 -12.80 -13.92 -4.75
C GLN A 284 -12.80 -13.88 -4.72
N ALA A 285 -11.53 -13.61 -5.04
CA ALA A 285 -10.51 -14.66 -5.08
C ALA A 285 -10.29 -15.28 -3.70
N ILE A 286 -10.20 -14.44 -2.67
N ILE A 286 -10.20 -14.44 -2.67
CA ILE A 286 -9.93 -14.90 -1.31
CA ILE A 286 -9.93 -14.95 -1.32
C ILE A 286 -11.14 -15.61 -0.74
C ILE A 286 -11.15 -15.64 -0.75
N LEU A 287 -12.34 -15.09 -1.00
CA LEU A 287 -13.54 -15.66 -0.40
C LEU A 287 -13.80 -17.08 -0.88
N ALA A 288 -13.26 -17.46 -2.04
CA ALA A 288 -13.31 -18.85 -2.47
C ALA A 288 -12.49 -19.75 -1.54
N LYS A 289 -11.42 -19.23 -0.94
CA LYS A 289 -10.60 -20.01 -0.04
C LYS A 289 -11.02 -19.93 1.41
N GLN A 290 -11.77 -18.89 1.78
CA GLN A 290 -12.21 -18.67 3.16
C GLN A 290 -13.66 -18.23 3.13
N PRO A 291 -14.58 -19.18 2.93
CA PRO A 291 -15.99 -18.81 2.76
C PRO A 291 -16.56 -18.09 3.97
N GLY A 292 -17.49 -17.16 3.70
CA GLY A 292 -18.14 -16.40 4.74
C GLY A 292 -17.28 -15.35 5.41
N GLY A 293 -16.07 -15.09 4.91
CA GLY A 293 -15.18 -14.19 5.59
C GLY A 293 -15.63 -12.74 5.51
N LYS A 294 -15.12 -11.94 6.43
CA LYS A 294 -15.29 -10.50 6.36
C LYS A 294 -14.19 -9.87 5.53
N VAL A 295 -14.54 -8.83 4.79
CA VAL A 295 -13.62 -8.10 3.93
C VAL A 295 -13.74 -6.63 4.29
N VAL A 296 -12.63 -6.00 4.64
CA VAL A 296 -12.63 -4.59 5.04
C VAL A 296 -12.30 -3.78 3.79
N HIS A 297 -13.03 -2.68 3.60
CA HIS A 297 -12.77 -1.78 2.48
C HIS A 297 -12.90 -0.35 2.97
N ASP A 298 -12.40 0.59 2.16
CA ASP A 298 -12.41 2.00 2.53
C ASP A 298 -13.64 2.71 1.93
N PRO A 299 -13.91 3.95 2.34
CA PRO A 299 -15.18 4.58 1.98
C PRO A 299 -15.15 5.40 0.70
N ARG A 300 -14.00 5.49 0.05
CA ARG A 300 -13.91 6.38 -1.10
C ARG A 300 -14.76 5.86 -2.26
N LEU A 301 -14.60 4.58 -2.59
CA LEU A 301 -15.35 3.92 -3.65
C LEU A 301 -15.79 2.60 -3.05
N THR A 302 -17.10 2.32 -3.10
CA THR A 302 -17.66 1.28 -2.26
C THR A 302 -18.60 0.32 -2.97
N TRP A 303 -19.46 0.82 -3.86
CA TRP A 303 -20.59 0.02 -4.34
C TRP A 303 -20.14 -1.29 -4.98
N ASN A 304 -19.10 -1.24 -5.80
CA ASN A 304 -18.65 -2.46 -6.47
C ASN A 304 -18.12 -3.47 -5.47
N THR A 305 -17.34 -3.00 -4.49
CA THR A 305 -16.77 -3.91 -3.49
C THR A 305 -17.87 -4.55 -2.66
N VAL A 306 -18.81 -3.74 -2.19
CA VAL A 306 -19.88 -4.31 -1.37
C VAL A 306 -20.62 -5.41 -2.14
N GLU A 307 -20.92 -5.15 -3.41
CA GLU A 307 -21.66 -6.13 -4.19
C GLU A 307 -20.84 -7.38 -4.44
N GLN A 308 -19.59 -7.20 -4.84
CA GLN A 308 -18.75 -8.35 -5.18
C GLN A 308 -18.47 -9.19 -3.95
N VAL A 309 -18.22 -8.56 -2.80
CA VAL A 309 -18.02 -9.30 -1.56
C VAL A 309 -19.28 -10.10 -1.20
N GLU A 310 -20.44 -9.45 -1.25
CA GLU A 310 -21.67 -10.13 -0.90
C GLU A 310 -21.97 -11.26 -1.88
N GLU A 311 -21.74 -11.03 -3.17
N GLU A 311 -21.75 -11.03 -3.17
CA GLU A 311 -22.02 -12.06 -4.17
CA GLU A 311 -22.05 -12.09 -4.14
C GLU A 311 -21.12 -13.27 -3.98
C GLU A 311 -21.13 -13.30 -3.95
N ALA A 312 -19.93 -13.07 -3.43
CA ALA A 312 -19.00 -14.16 -3.14
C ALA A 312 -19.22 -14.78 -1.77
N GLY A 313 -20.20 -14.31 -1.02
CA GLY A 313 -20.55 -14.89 0.26
C GLY A 313 -19.83 -14.29 1.44
N GLY A 314 -19.14 -13.17 1.26
CA GLY A 314 -18.48 -12.51 2.35
C GLY A 314 -19.33 -11.38 2.91
N ILE A 315 -18.78 -10.76 3.95
CA ILE A 315 -19.43 -9.65 4.63
C ILE A 315 -18.53 -8.44 4.51
N PRO A 316 -18.94 -7.39 3.82
CA PRO A 316 -18.11 -6.19 3.69
C PRO A 316 -18.20 -5.32 4.94
N VAL A 317 -17.07 -4.76 5.33
CA VAL A 317 -16.94 -3.98 6.55
C VAL A 317 -16.33 -2.63 6.17
N LEU A 318 -17.14 -1.56 6.25
CA LEU A 318 -16.64 -0.23 5.93
C LEU A 318 -15.64 0.26 6.97
N CYS A 319 -14.57 0.91 6.51
CA CYS A 319 -13.52 1.36 7.41
C CYS A 319 -12.85 2.60 6.82
N LYS A 320 -12.48 3.54 7.70
CA LYS A 320 -11.69 4.69 7.29
C LYS A 320 -10.46 4.24 6.53
N SER A 321 -10.10 5.02 5.51
N SER A 321 -10.11 4.98 5.48
CA SER A 321 -8.88 4.78 4.75
CA SER A 321 -8.89 4.68 4.73
C SER A 321 -7.64 5.01 5.60
C SER A 321 -7.65 5.04 5.52
N GLY A 322 -6.55 4.35 5.23
CA GLY A 322 -5.29 4.53 5.93
C GLY A 322 -4.96 3.16 6.51
N HIS A 323 -3.72 2.74 6.32
CA HIS A 323 -3.36 1.36 6.64
C HIS A 323 -3.55 1.04 8.12
N ALA A 324 -3.32 2.00 9.02
CA ALA A 324 -3.50 1.72 10.44
C ALA A 324 -4.96 1.48 10.77
N PHE A 325 -5.87 2.24 10.16
CA PHE A 325 -7.29 2.00 10.41
C PHE A 325 -7.72 0.66 9.83
N ILE A 326 -7.29 0.38 8.60
CA ILE A 326 -7.65 -0.87 7.94
C ILE A 326 -7.17 -2.06 8.76
N LYS A 327 -5.90 -2.03 9.18
CA LYS A 327 -5.35 -3.17 9.90
C LYS A 327 -6.04 -3.39 11.23
N GLU A 328 -6.28 -2.30 11.98
N GLU A 328 -6.29 -2.30 11.98
CA GLU A 328 -6.98 -2.42 13.26
CA GLU A 328 -6.98 -2.44 13.26
C GLU A 328 -8.38 -2.99 13.07
C GLU A 328 -8.38 -2.99 13.08
N LYS A 329 -9.09 -2.53 12.05
CA LYS A 329 -10.44 -3.03 11.81
C LYS A 329 -10.41 -4.51 11.41
N MET A 330 -9.48 -4.89 10.55
CA MET A 330 -9.38 -6.29 10.18
C MET A 330 -9.13 -7.15 11.41
N ARG A 331 -8.22 -6.71 12.28
CA ARG A 331 -7.95 -7.47 13.50
C ARG A 331 -9.21 -7.65 14.32
N SER A 332 -9.93 -6.55 14.56
CA SER A 332 -11.09 -6.63 15.45
C SER A 332 -12.22 -7.46 14.86
N GLU A 333 -12.28 -7.59 13.53
CA GLU A 333 -13.31 -8.35 12.85
C GLU A 333 -12.85 -9.73 12.40
N ASN A 334 -11.59 -10.10 12.63
CA ASN A 334 -11.06 -11.34 12.06
C ASN A 334 -11.25 -11.37 10.54
N ALA A 335 -11.12 -10.20 9.91
CA ALA A 335 -11.34 -10.12 8.47
C ALA A 335 -10.21 -10.81 7.72
N VAL A 336 -10.57 -11.61 6.72
CA VAL A 336 -9.56 -12.34 5.97
C VAL A 336 -8.76 -11.44 5.04
N TYR A 337 -9.38 -10.36 4.57
CA TYR A 337 -8.76 -9.52 3.55
C TYR A 337 -9.28 -8.10 3.71
N GLY A 338 -8.41 -7.14 3.44
CA GLY A 338 -8.81 -5.75 3.39
C GLY A 338 -8.17 -5.12 2.17
N GLY A 339 -8.88 -4.22 1.50
CA GLY A 339 -8.32 -3.60 0.31
C GLY A 339 -8.74 -2.16 0.17
N GLU A 340 -7.80 -1.32 -0.20
CA GLU A 340 -8.05 0.08 -0.48
C GLU A 340 -7.93 0.31 -1.99
N MET A 341 -8.72 1.26 -2.49
N MET A 341 -8.71 1.27 -2.51
CA MET A 341 -8.65 1.56 -3.93
CA MET A 341 -8.64 1.52 -3.94
C MET A 341 -7.26 2.01 -4.37
C MET A 341 -7.28 2.08 -4.38
N SER A 342 -6.45 2.52 -3.45
CA SER A 342 -5.12 3.06 -3.75
C SER A 342 -4.00 2.02 -3.71
N ALA A 343 -4.29 0.81 -4.15
CA ALA A 343 -3.27 -0.22 -4.37
C ALA A 343 -2.65 -0.72 -3.07
N HIS A 344 -3.48 -0.89 -2.04
CA HIS A 344 -3.04 -1.47 -0.78
C HIS A 344 -3.95 -2.65 -0.49
N HIS A 345 -3.34 -3.81 -0.28
CA HIS A 345 -4.06 -5.06 -0.09
C HIS A 345 -3.47 -5.78 1.10
N TYR A 346 -4.33 -6.09 2.07
CA TYR A 346 -3.90 -6.60 3.37
C TYR A 346 -4.50 -7.97 3.58
N PHE A 347 -3.73 -8.85 4.22
CA PHE A 347 -4.09 -10.26 4.31
C PHE A 347 -3.93 -10.73 5.75
N ARG A 348 -5.02 -11.26 6.32
CA ARG A 348 -4.99 -11.72 7.71
C ARG A 348 -3.83 -12.69 7.96
N GLU A 349 -3.65 -13.68 7.09
CA GLU A 349 -2.60 -14.67 7.29
C GLU A 349 -1.21 -14.08 7.17
N PHE A 350 -1.09 -12.93 6.54
CA PHE A 350 0.17 -12.20 6.41
C PHE A 350 0.35 -11.20 7.54
N ALA A 351 0.02 -11.58 8.77
CA ALA A 351 0.11 -10.68 9.92
C ALA A 351 -0.74 -9.43 9.73
N TYR A 352 -1.86 -9.54 9.02
CA TYR A 352 -2.75 -8.42 8.73
C TYR A 352 -2.08 -7.33 7.90
N ALA A 353 -0.95 -7.65 7.26
CA ALA A 353 -0.14 -6.62 6.62
C ALA A 353 -0.36 -6.62 5.12
N ASP A 354 0.14 -5.56 4.48
CA ASP A 354 0.02 -5.41 3.05
C ASP A 354 1.18 -6.09 2.33
N SER A 355 0.88 -6.61 1.15
CA SER A 355 1.87 -7.25 0.30
C SER A 355 1.59 -6.83 -1.14
N GLY A 356 2.65 -6.54 -1.87
CA GLY A 356 2.57 -6.33 -3.30
C GLY A 356 2.80 -7.60 -4.09
N MET A 357 3.00 -8.73 -3.40
CA MET A 357 3.23 -10.01 -4.03
C MET A 357 2.00 -10.90 -4.01
N ILE A 358 1.38 -11.06 -2.84
CA ILE A 358 0.17 -11.87 -2.75
C ILE A 358 -0.86 -11.49 -3.81
N PRO A 359 -1.13 -10.21 -4.08
CA PRO A 359 -2.21 -9.91 -5.03
C PRO A 359 -1.98 -10.48 -6.41
N TRP A 360 -0.78 -10.36 -6.97
CA TRP A 360 -0.62 -10.86 -8.33
C TRP A 360 -0.62 -12.37 -8.39
N LEU A 361 -0.16 -13.04 -7.33
CA LEU A 361 -0.28 -14.49 -7.29
C LEU A 361 -1.75 -14.91 -7.30
N LEU A 362 -2.60 -14.24 -6.50
CA LEU A 362 -4.03 -14.54 -6.50
C LEU A 362 -4.66 -14.27 -7.85
N ILE A 363 -4.27 -13.17 -8.50
CA ILE A 363 -4.87 -12.87 -9.80
C ILE A 363 -4.42 -13.87 -10.85
N ALA A 364 -3.14 -14.22 -10.86
CA ALA A 364 -2.67 -15.24 -11.78
C ALA A 364 -3.42 -16.55 -11.58
N GLU A 365 -3.69 -16.91 -10.31
CA GLU A 365 -4.45 -18.12 -10.04
C GLU A 365 -5.87 -18.01 -10.56
N LEU A 366 -6.49 -16.84 -10.39
N LEU A 366 -6.51 -16.85 -10.35
CA LEU A 366 -7.86 -16.67 -10.83
CA LEU A 366 -7.86 -16.64 -10.84
C LEU A 366 -7.97 -16.73 -12.35
C LEU A 366 -7.91 -16.80 -12.35
N VAL A 367 -7.04 -16.08 -13.06
CA VAL A 367 -7.02 -16.18 -14.52
C VAL A 367 -6.79 -17.63 -14.94
N SER A 368 -5.84 -18.32 -14.30
CA SER A 368 -5.56 -19.72 -14.61
C SER A 368 -6.78 -20.61 -14.40
N GLN A 369 -7.44 -20.45 -13.26
CA GLN A 369 -8.52 -21.37 -12.93
C GLN A 369 -9.79 -21.08 -13.72
N SER A 370 -10.07 -19.81 -13.98
CA SER A 370 -11.35 -19.43 -14.57
C SER A 370 -11.37 -19.53 -16.08
N GLY A 371 -10.21 -19.49 -16.74
CA GLY A 371 -10.19 -19.37 -18.19
C GLY A 371 -10.55 -18.00 -18.71
N ARG A 372 -10.72 -17.02 -17.83
N ARG A 372 -10.75 -17.02 -17.83
CA ARG A 372 -11.07 -15.67 -18.23
CA ARG A 372 -11.08 -15.65 -18.23
C ARG A 372 -9.86 -14.75 -18.13
C ARG A 372 -9.83 -14.78 -18.16
N SER A 373 -9.75 -13.84 -19.09
CA SER A 373 -8.66 -12.87 -19.06
C SER A 373 -8.88 -11.89 -17.92
N LEU A 374 -7.79 -11.26 -17.47
CA LEU A 374 -7.94 -10.20 -16.48
C LEU A 374 -8.94 -9.15 -16.96
N ALA A 375 -8.86 -8.79 -18.24
CA ALA A 375 -9.78 -7.79 -18.79
C ALA A 375 -11.22 -8.21 -18.59
N ASP A 376 -11.54 -9.45 -18.92
CA ASP A 376 -12.94 -9.86 -18.80
C ASP A 376 -13.36 -10.03 -17.35
N LEU A 377 -12.43 -10.35 -16.45
CA LEU A 377 -12.78 -10.45 -15.04
C LEU A 377 -13.26 -9.12 -14.47
N VAL A 378 -12.78 -8.00 -15.01
CA VAL A 378 -13.15 -6.68 -14.49
C VAL A 378 -14.10 -5.91 -15.38
N GLU A 379 -14.24 -6.29 -16.65
N GLU A 379 -14.26 -6.28 -16.66
CA GLU A 379 -14.93 -5.45 -17.64
CA GLU A 379 -14.92 -5.42 -17.62
C GLU A 379 -16.33 -5.05 -17.17
C GLU A 379 -16.34 -5.05 -17.19
N ALA A 380 -17.17 -6.04 -16.87
CA ALA A 380 -18.55 -5.74 -16.50
C ALA A 380 -18.61 -4.93 -15.21
N ARG A 381 -17.66 -5.13 -14.30
CA ARG A 381 -17.66 -4.35 -13.06
C ARG A 381 -17.37 -2.88 -13.33
N MET A 382 -16.40 -2.61 -14.21
CA MET A 382 -16.07 -1.24 -14.55
C MET A 382 -17.22 -0.55 -15.27
N GLN A 383 -17.98 -1.29 -16.08
CA GLN A 383 -19.15 -0.70 -16.73
C GLN A 383 -20.27 -0.48 -15.72
N LYS A 384 -20.40 -1.37 -14.74
CA LYS A 384 -21.53 -1.28 -13.82
C LYS A 384 -21.32 -0.20 -12.77
N PHE A 385 -20.08 0.04 -12.34
CA PHE A 385 -19.76 1.05 -11.35
C PHE A 385 -18.59 1.88 -11.86
N PRO A 386 -18.83 2.70 -12.89
CA PRO A 386 -17.76 3.57 -13.38
C PRO A 386 -17.41 4.59 -12.31
N CYS A 387 -16.13 4.96 -12.26
CA CYS A 387 -15.67 5.86 -11.22
C CYS A 387 -14.73 6.88 -11.82
N SER A 388 -14.60 8.00 -11.12
CA SER A 388 -13.79 9.12 -11.58
C SER A 388 -12.30 8.88 -11.42
N GLY A 389 -11.91 7.95 -10.56
CA GLY A 389 -10.58 7.93 -10.02
C GLY A 389 -10.43 9.05 -9.01
N GLU A 390 -9.36 8.98 -8.23
CA GLU A 390 -9.14 9.96 -7.18
C GLU A 390 -8.57 11.23 -7.81
N ILE A 391 -9.27 12.34 -7.62
CA ILE A 391 -8.89 13.62 -8.18
C ILE A 391 -8.54 14.54 -7.04
N ASN A 392 -7.35 15.14 -7.10
CA ASN A 392 -6.86 15.99 -6.03
C ASN A 392 -7.03 17.45 -6.39
N PHE A 393 -7.31 18.25 -5.37
CA PHE A 393 -7.53 19.68 -5.53
C PHE A 393 -6.81 20.42 -4.42
N LYS A 394 -5.77 21.17 -4.78
N LYS A 394 -5.75 21.18 -4.76
CA LYS A 394 -5.19 22.17 -3.90
CA LYS A 394 -5.19 22.13 -3.79
C LYS A 394 -6.13 23.36 -3.87
C LYS A 394 -6.03 23.39 -3.83
N VAL A 395 -6.56 23.76 -2.66
CA VAL A 395 -7.51 24.86 -2.52
C VAL A 395 -7.00 25.80 -1.44
N ALA A 396 -7.49 27.04 -1.49
CA ALA A 396 -7.08 28.02 -0.50
C ALA A 396 -7.66 27.70 0.88
N ASP A 397 -8.85 27.11 0.94
CA ASP A 397 -9.56 26.90 2.20
C ASP A 397 -10.36 25.61 2.03
N ALA A 398 -9.82 24.51 2.56
CA ALA A 398 -10.48 23.22 2.39
C ALA A 398 -11.87 23.21 3.00
N LYS A 399 -12.01 23.77 4.20
CA LYS A 399 -13.29 23.76 4.89
C LYS A 399 -14.34 24.55 4.11
N ALA A 400 -13.97 25.73 3.63
CA ALA A 400 -14.90 26.52 2.82
C ALA A 400 -15.22 25.81 1.51
N SER A 401 -14.25 25.11 0.93
CA SER A 401 -14.51 24.43 -0.34
C SER A 401 -15.45 23.27 -0.15
N VAL A 402 -15.23 22.45 0.88
CA VAL A 402 -16.19 21.39 1.19
C VAL A 402 -17.57 21.98 1.44
N ALA A 403 -17.64 23.08 2.18
CA ALA A 403 -18.93 23.69 2.48
C ALA A 403 -19.66 24.12 1.21
N ARG A 404 -18.93 24.64 0.22
CA ARG A 404 -19.56 25.04 -1.04
C ARG A 404 -20.18 23.84 -1.74
N VAL A 405 -19.47 22.70 -1.73
CA VAL A 405 -19.99 21.49 -2.35
C VAL A 405 -21.24 21.02 -1.62
N MET A 406 -21.18 20.96 -0.30
N MET A 406 -21.18 20.93 -0.30
CA MET A 406 -22.31 20.47 0.49
CA MET A 406 -22.31 20.38 0.43
C MET A 406 -23.53 21.35 0.28
C MET A 406 -23.51 21.31 0.35
N GLU A 407 -23.34 22.68 0.34
N GLU A 407 -23.27 22.63 0.33
CA GLU A 407 -24.46 23.60 0.17
CA GLU A 407 -24.38 23.57 0.18
C GLU A 407 -25.09 23.44 -1.21
C GLU A 407 -25.06 23.40 -1.18
N HIS A 408 -24.27 23.19 -2.23
CA HIS A 408 -24.81 23.06 -3.58
C HIS A 408 -25.77 21.89 -3.71
N TYR A 409 -25.46 20.79 -3.02
CA TYR A 409 -26.21 19.55 -3.14
C TYR A 409 -27.26 19.34 -2.05
N ALA A 410 -27.38 20.29 -1.13
CA ALA A 410 -28.22 20.06 0.05
C ALA A 410 -29.67 19.80 -0.34
N SER A 411 -30.17 20.48 -1.37
CA SER A 411 -31.57 20.34 -1.75
C SER A 411 -31.91 18.96 -2.33
N LEU A 412 -30.92 18.15 -2.68
CA LEU A 412 -31.14 16.78 -3.13
C LEU A 412 -31.21 15.78 -1.98
N SER A 413 -30.95 16.23 -0.76
CA SER A 413 -31.03 15.39 0.43
C SER A 413 -30.25 14.07 0.33
N PRO A 414 -28.96 14.12 -0.01
CA PRO A 414 -28.18 12.87 -0.07
C PRO A 414 -28.09 12.22 1.31
N GLU A 415 -27.87 10.90 1.29
CA GLU A 415 -27.53 10.20 2.53
C GLU A 415 -26.07 10.45 2.83
N LEU A 416 -25.79 10.98 4.01
CA LEU A 416 -24.45 11.42 4.37
C LEU A 416 -23.84 10.46 5.39
N ASP A 417 -22.55 10.17 5.19
CA ASP A 417 -21.78 9.34 6.11
C ASP A 417 -20.43 9.99 6.32
N TYR A 418 -19.97 10.01 7.57
CA TYR A 418 -18.77 10.74 7.94
C TYR A 418 -17.64 9.82 8.39
N THR A 419 -17.61 8.59 7.88
CA THR A 419 -16.57 7.64 8.25
C THR A 419 -15.19 8.16 7.88
N ASP A 420 -15.08 8.85 6.75
CA ASP A 420 -13.77 9.28 6.26
C ASP A 420 -14.05 10.49 5.36
N GLY A 421 -13.98 11.67 5.95
CA GLY A 421 -14.41 12.84 5.21
C GLY A 421 -15.93 12.86 5.13
N ILE A 422 -16.44 13.11 3.93
CA ILE A 422 -17.88 13.14 3.71
C ILE A 422 -18.18 12.25 2.52
N SER A 423 -19.07 11.28 2.73
CA SER A 423 -19.64 10.48 1.66
C SER A 423 -21.09 10.90 1.51
N ALA A 424 -21.52 11.08 0.26
CA ALA A 424 -22.85 11.55 -0.06
C ALA A 424 -23.43 10.64 -1.13
N ASP A 425 -24.51 9.95 -0.79
CA ASP A 425 -25.14 8.97 -1.66
C ASP A 425 -26.45 9.57 -2.13
N PHE A 426 -26.56 9.78 -3.44
CA PHE A 426 -27.71 10.42 -4.05
C PHE A 426 -28.67 9.43 -4.67
N GLY A 427 -28.35 8.14 -4.63
CA GLY A 427 -29.17 7.14 -5.25
C GLY A 427 -28.46 6.50 -6.42
N GLN A 428 -28.42 7.18 -7.57
CA GLN A 428 -27.73 6.66 -8.74
C GLN A 428 -26.27 7.07 -8.80
N TRP A 429 -25.83 7.97 -7.92
CA TRP A 429 -24.43 8.35 -7.87
C TRP A 429 -24.05 8.69 -6.45
N ARG A 430 -22.75 8.68 -6.17
CA ARG A 430 -22.26 9.02 -4.84
C ARG A 430 -20.87 9.61 -5.01
N PHE A 431 -20.45 10.39 -4.02
CA PHE A 431 -19.07 10.85 -3.96
C PHE A 431 -18.53 10.74 -2.55
N ASN A 432 -17.21 10.70 -2.46
CA ASN A 432 -16.53 10.88 -1.19
C ASN A 432 -15.53 12.00 -1.35
N LEU A 433 -15.46 12.86 -0.35
CA LEU A 433 -14.59 14.04 -0.37
C LEU A 433 -13.81 14.06 0.93
N ARG A 434 -12.50 13.92 0.82
CA ARG A 434 -11.62 13.84 1.97
C ARG A 434 -10.60 14.97 1.92
N SER A 435 -10.24 15.46 3.10
CA SER A 435 -9.39 16.63 3.23
C SER A 435 -8.06 16.22 3.82
N SER A 436 -6.97 16.57 3.15
CA SER A 436 -5.63 16.30 3.65
C SER A 436 -5.36 17.12 4.92
N ASN A 437 -4.68 16.49 5.87
CA ASN A 437 -4.28 17.19 7.09
C ASN A 437 -2.87 17.78 7.00
N THR A 438 -2.10 17.41 5.98
CA THR A 438 -0.74 17.92 5.81
C THR A 438 -0.68 19.19 4.97
N GLU A 439 -1.74 19.53 4.26
CA GLU A 439 -1.76 20.65 3.33
C GLU A 439 -3.21 20.88 2.90
N PRO A 440 -3.56 22.08 2.45
CA PRO A 440 -4.93 22.29 1.97
C PRO A 440 -5.15 21.55 0.66
N LEU A 441 -5.67 20.33 0.73
CA LEU A 441 -5.78 19.48 -0.44
C LEU A 441 -6.98 18.58 -0.25
N LEU A 442 -7.94 18.68 -1.15
CA LEU A 442 -9.12 17.83 -1.12
C LEU A 442 -8.98 16.73 -2.15
N ARG A 443 -9.44 15.53 -1.80
N ARG A 443 -9.42 15.53 -1.80
CA ARG A 443 -9.42 14.38 -2.69
CA ARG A 443 -9.42 14.39 -2.70
C ARG A 443 -10.85 13.94 -2.97
C ARG A 443 -10.86 13.98 -2.97
N LEU A 444 -11.20 13.85 -4.24
CA LEU A 444 -12.56 13.53 -4.67
C LEU A 444 -12.62 12.16 -5.33
N ASN A 445 -13.65 11.40 -5.01
CA ASN A 445 -13.97 10.17 -5.72
C ASN A 445 -15.46 10.13 -5.99
N VAL A 446 -15.83 9.85 -7.24
CA VAL A 446 -17.23 9.79 -7.67
C VAL A 446 -17.43 8.45 -8.33
N GLU A 447 -18.60 7.83 -8.10
CA GLU A 447 -19.00 6.66 -8.88
C GLU A 447 -20.49 6.74 -9.13
N THR A 448 -20.95 6.02 -10.16
CA THR A 448 -22.37 5.99 -10.49
C THR A 448 -22.82 4.56 -10.74
N ARG A 449 -24.13 4.38 -10.81
CA ARG A 449 -24.72 3.09 -11.16
C ARG A 449 -24.85 3.00 -12.67
N GLY A 450 -23.75 2.58 -13.30
CA GLY A 450 -23.71 2.25 -14.71
C GLY A 450 -23.88 3.42 -15.65
N ASP A 451 -23.64 4.65 -15.20
CA ASP A 451 -23.96 5.85 -15.98
C ASP A 451 -22.71 6.70 -16.16
N ALA A 452 -22.04 6.55 -17.30
CA ALA A 452 -20.83 7.33 -17.57
C ALA A 452 -21.13 8.81 -17.76
N ALA A 453 -22.30 9.14 -18.31
CA ALA A 453 -22.64 10.54 -18.52
C ALA A 453 -22.83 11.26 -17.19
N LEU A 454 -23.58 10.65 -16.28
CA LEU A 454 -23.78 11.23 -14.96
C LEU A 454 -22.47 11.34 -14.21
N LEU A 455 -21.59 10.34 -14.39
CA LEU A 455 -20.31 10.39 -13.73
C LEU A 455 -19.54 11.65 -14.14
N GLU A 456 -19.51 11.93 -15.44
CA GLU A 456 -18.76 13.08 -15.92
C GLU A 456 -19.40 14.39 -15.51
N THR A 457 -20.71 14.54 -15.72
CA THR A 457 -21.35 15.81 -15.36
C THR A 457 -21.23 16.08 -13.86
N ARG A 458 -21.43 15.06 -13.02
CA ARG A 458 -21.27 15.31 -11.59
C ARG A 458 -19.83 15.56 -11.21
N THR A 459 -18.88 14.80 -11.79
CA THR A 459 -17.46 15.06 -11.50
C THR A 459 -17.09 16.49 -11.87
N GLN A 460 -17.55 16.95 -13.04
CA GLN A 460 -17.18 18.31 -13.47
C GLN A 460 -17.86 19.36 -12.61
N GLU A 461 -19.11 19.10 -12.21
CA GLU A 461 -19.83 20.03 -11.33
C GLU A 461 -19.11 20.19 -10.00
N ILE A 462 -18.73 19.07 -9.38
CA ILE A 462 -18.02 19.15 -8.11
C ILE A 462 -16.67 19.81 -8.29
N SER A 463 -15.98 19.50 -9.39
CA SER A 463 -14.69 20.12 -9.66
C SER A 463 -14.82 21.64 -9.73
N ASN A 464 -15.86 22.13 -10.41
CA ASN A 464 -16.05 23.57 -10.51
C ASN A 464 -16.30 24.19 -9.14
N LEU A 465 -17.07 23.49 -8.30
CA LEU A 465 -17.33 24.01 -6.96
C LEU A 465 -16.06 24.06 -6.12
N LEU A 466 -15.23 23.01 -6.21
CA LEU A 466 -14.01 22.95 -5.41
C LEU A 466 -13.03 24.04 -5.82
N ARG A 467 -12.97 24.34 -7.11
CA ARG A 467 -12.07 25.37 -7.61
C ARG A 467 -12.64 26.78 -7.43
N GLY A 468 -13.89 26.89 -6.98
CA GLY A 468 -14.50 28.19 -6.79
C GLY A 468 -13.87 28.96 -5.64
CA CA B . 5.57 1.46 -1.13
O1 P6G C . 12.83 -26.31 -7.12
C2 P6G C . 13.46 -25.95 -5.91
C3 P6G C . 14.09 -24.57 -6.04
O4 P6G C . 14.59 -24.07 -4.82
C5 P6G C . 13.96 -24.50 -3.65
C6 P6G C . 14.02 -23.40 -2.60
O7 P6G C . 12.74 -22.85 -2.51
C8 P6G C . 12.44 -22.18 -1.32
C9 P6G C . 10.96 -21.79 -1.38
O10 P6G C . 10.21 -22.97 -1.47
C11 P6G C . 9.02 -22.84 -2.20
C12 P6G C . 7.93 -23.73 -1.58
O13 P6G C . 8.48 -24.97 -1.25
C14 P6G C . 7.53 -25.97 -0.99
C15 P6G C . 7.33 -26.12 0.51
O16 P6G C . 5.98 -25.92 0.84
C17 P6G C . 5.76 -24.76 1.61
C18 P6G C . 4.34 -24.20 1.40
O19 P6G C . 4.31 -23.08 0.56
#